data_4C1X
#
_entry.id   4C1X
#
_cell.length_a   42.544
_cell.length_b   44.551
_cell.length_c   43.003
_cell.angle_alpha   90.00
_cell.angle_beta   96.99
_cell.angle_gamma   90.00
#
_symmetry.space_group_name_H-M   'P 1 21 1'
#
loop_
_entity.id
_entity.type
_entity.pdbx_description
1 polymer 'SIALIDASE A'
2 branched 'N-acetyl-alpha-neuraminic acid-(2-6)-beta-D-galactopyranose-(1-4)-beta-D-glucopyranose'
3 non-polymer 2-AMINO-2-HYDROXYMETHYL-PROPANE-1,3-DIOL
4 water water
#
_entity_poly.entity_id   1
_entity_poly.type   'polypeptide(L)'
_entity_poly.pdbx_seq_one_letter_code
;GAMVIEKEDVETNASNGQRVDLSSELDKLKKLENATVHMEFKPDAKAPAFYNLFSVSSATKKDEYFTMAVYNNTATLEGR
GSDGKQFYNNYNDAPLKVKPGQWNSVTFTVEKPTAELPKGRVRLYVNGVLSRTSLRSGNFIKDMPDVTHVQIGATKRANN
TVWGSNLQIRNLTVYNRALTPEEVQKRS
;
_entity_poly.pdbx_strand_id   A
#
# COMPACT_ATOMS: atom_id res chain seq x y z
N GLY A 1 -20.80 2.13 -6.64
CA GLY A 1 -19.48 1.64 -7.13
C GLY A 1 -18.75 0.63 -6.24
N ALA A 2 -17.45 0.78 -6.19
CA ALA A 2 -16.60 -0.26 -5.76
C ALA A 2 -15.86 0.11 -4.46
N MET A 3 -16.26 1.17 -3.78
CA MET A 3 -15.50 1.60 -2.62
C MET A 3 -15.84 0.77 -1.39
N VAL A 4 -14.86 0.16 -0.72
CA VAL A 4 -15.13 -0.70 0.45
C VAL A 4 -14.53 -0.15 1.75
N ILE A 5 -13.52 0.70 1.62
CA ILE A 5 -12.87 1.49 2.72
C ILE A 5 -12.61 2.95 2.28
N GLU A 6 -13.02 3.92 3.10
CA GLU A 6 -12.66 5.33 2.85
C GLU A 6 -12.31 5.93 4.20
N LYS A 7 -11.14 6.50 4.32
CA LYS A 7 -10.78 7.14 5.57
C LYS A 7 -10.26 8.54 5.20
N GLU A 8 -10.79 9.62 5.80
CA GLU A 8 -10.39 10.99 5.42
C GLU A 8 -9.82 11.74 6.59
N ASP A 9 -8.89 12.62 6.24
CA ASP A 9 -8.39 13.65 7.15
C ASP A 9 -7.83 13.10 8.44
N VAL A 10 -6.89 12.15 8.30
CA VAL A 10 -6.28 11.59 9.52
C VAL A 10 -4.79 11.95 9.42
N GLU A 11 -4.01 11.64 10.45
CA GLU A 11 -2.58 11.97 10.42
C GLU A 11 -1.79 11.09 11.34
N THR A 12 -0.52 10.91 11.03
CA THR A 12 0.38 10.12 11.92
C THR A 12 1.29 11.10 12.57
N ASN A 13 1.45 11.05 13.89
CA ASN A 13 2.37 11.98 14.53
C ASN A 13 2.87 11.36 15.83
N ALA A 14 3.65 12.11 16.63
CA ALA A 14 4.23 11.51 17.85
C ALA A 14 3.15 10.93 18.78
N SER A 15 2.02 11.63 18.85
CA SER A 15 1.00 11.33 19.84
C SER A 15 0.32 10.00 19.59
N ASN A 16 0.31 9.52 18.32
CA ASN A 16 -0.35 8.27 18.00
C ASN A 16 0.66 7.16 17.61
N GLY A 17 1.94 7.33 18.01
CA GLY A 17 3.02 6.42 17.65
C GLY A 17 3.22 6.39 16.10
N GLN A 18 2.93 7.51 15.48
CA GLN A 18 3.05 7.64 14.00
C GLN A 18 2.26 6.57 13.25
N ARG A 19 1.04 6.31 13.71
CA ARG A 19 0.27 5.19 13.20
C ARG A 19 -1.24 5.52 13.26
N VAL A 20 -1.94 5.19 12.20
CA VAL A 20 -3.42 5.17 12.26
C VAL A 20 -3.87 3.72 12.06
N ASP A 21 -4.40 3.10 13.11
CA ASP A 21 -4.81 1.72 12.96
C ASP A 21 -6.12 1.55 12.19
N LEU A 22 -6.15 0.67 11.21
CA LEU A 22 -7.37 0.40 10.39
C LEU A 22 -7.65 -1.11 10.49
N SER A 23 -7.13 -1.78 11.53
CA SER A 23 -7.17 -3.27 11.56
C SER A 23 -8.60 -3.81 11.61
N SER A 24 -9.56 -2.97 12.02
CA SER A 24 -10.98 -3.37 12.05
C SER A 24 -11.46 -3.64 10.62
N GLU A 25 -10.75 -3.09 9.61
CA GLU A 25 -11.16 -3.32 8.21
C GLU A 25 -10.48 -4.55 7.56
N LEU A 26 -9.80 -5.35 8.35
CA LEU A 26 -9.04 -6.46 7.78
C LEU A 26 -9.91 -7.45 7.01
N ASP A 27 -11.09 -7.79 7.53
CA ASP A 27 -11.89 -8.82 6.82
C ASP A 27 -12.30 -8.31 5.43
N LYS A 28 -12.55 -7.01 5.28
CA LYS A 28 -12.88 -6.43 3.95
C LYS A 28 -11.74 -6.59 2.96
N LEU A 29 -10.50 -6.47 3.46
CA LEU A 29 -9.27 -6.66 2.63
C LEU A 29 -9.00 -8.13 2.24
N LYS A 30 -9.22 -9.03 3.19
CA LYS A 30 -9.03 -10.46 2.91
C LYS A 30 -9.94 -10.95 1.84
N LYS A 31 -11.11 -10.35 1.70
CA LYS A 31 -12.08 -10.82 0.75
C LYS A 31 -11.78 -10.40 -0.68
N LEU A 32 -10.91 -9.39 -0.85
CA LEU A 32 -10.66 -8.81 -2.21
C LEU A 32 -9.86 -9.72 -3.16
N GLU A 33 -10.23 -9.74 -4.44
CA GLU A 33 -9.47 -10.39 -5.48
C GLU A 33 -8.86 -9.34 -6.41
N ASN A 34 -9.69 -8.58 -7.11
CA ASN A 34 -9.15 -7.39 -7.77
C ASN A 34 -9.35 -6.22 -6.80
N ALA A 35 -8.37 -5.28 -6.75
CA ALA A 35 -8.44 -4.22 -5.75
C ALA A 35 -7.67 -3.00 -6.20
N THR A 36 -8.03 -1.86 -5.63
CA THR A 36 -7.22 -0.66 -5.71
C THR A 36 -7.02 -0.07 -4.29
N VAL A 37 -5.80 0.38 -3.96
CA VAL A 37 -5.56 1.16 -2.74
C VAL A 37 -4.98 2.50 -3.20
N HIS A 38 -5.67 3.57 -2.81
CA HIS A 38 -5.31 4.91 -3.21
C HIS A 38 -5.12 5.78 -1.97
N MET A 39 -4.02 6.53 -1.91
N MET A 39 -4.04 6.56 -1.93
CA MET A 39 -3.78 7.45 -0.79
CA MET A 39 -3.77 7.43 -0.78
C MET A 39 -3.37 8.79 -1.34
C MET A 39 -3.28 8.78 -1.25
N GLU A 40 -3.84 9.85 -0.69
CA GLU A 40 -3.40 11.21 -1.00
C GLU A 40 -2.88 11.72 0.32
N PHE A 41 -1.61 12.11 0.31
CA PHE A 41 -0.90 12.34 1.56
C PHE A 41 0.17 13.42 1.39
N LYS A 42 0.66 13.92 2.55
CA LYS A 42 1.68 14.96 2.55
C LYS A 42 2.71 14.55 3.58
N PRO A 43 3.88 14.07 3.12
CA PRO A 43 4.93 13.69 4.13
C PRO A 43 5.57 14.92 4.69
N ASP A 44 6.00 14.87 5.95
CA ASP A 44 6.87 15.95 6.47
C ASP A 44 8.09 16.10 5.58
N ALA A 45 8.65 17.30 5.37
N ALA A 45 8.46 17.37 5.54
CA ALA A 45 9.67 17.62 4.22
CA ALA A 45 9.73 17.75 5.03
C ALA A 45 11.09 16.90 3.99
C ALA A 45 10.76 17.00 5.87
N LYS A 46 11.67 16.53 5.11
CA LYS A 46 12.91 15.81 5.43
C LYS A 46 12.49 14.46 5.98
N ALA A 47 12.00 13.62 5.08
CA ALA A 47 11.40 12.31 5.44
C ALA A 47 12.46 11.24 5.79
N PRO A 48 12.05 10.21 6.56
CA PRO A 48 12.91 9.06 6.78
C PRO A 48 13.25 8.42 5.42
N ALA A 49 14.36 7.68 5.39
CA ALA A 49 14.82 6.99 4.14
C ALA A 49 13.78 5.96 3.69
N PHE A 50 13.16 5.28 4.66
CA PHE A 50 12.08 4.38 4.36
C PHE A 50 10.87 4.62 5.26
N TYR A 51 9.68 4.80 4.66
CA TYR A 51 8.48 4.95 5.48
C TYR A 51 7.25 4.32 4.81
N ASN A 52 6.38 3.74 5.62
CA ASN A 52 5.21 3.07 5.08
C ASN A 52 4.05 4.02 4.89
N LEU A 53 3.30 3.84 3.80
CA LEU A 53 2.08 4.60 3.59
C LEU A 53 0.89 3.77 4.04
N PHE A 54 0.80 2.55 3.54
CA PHE A 54 -0.35 1.66 3.87
C PHE A 54 0.16 0.23 3.93
N SER A 55 -0.07 -0.47 5.05
CA SER A 55 0.44 -1.81 5.17
C SER A 55 -0.59 -2.72 5.86
N VAL A 56 -0.42 -4.01 5.58
CA VAL A 56 -1.13 -5.10 6.30
C VAL A 56 -0.10 -6.03 6.86
N SER A 57 -0.18 -6.39 8.14
CA SER A 57 0.99 -7.09 8.72
C SER A 57 0.49 -8.13 9.75
N SER A 58 1.43 -8.83 10.36
CA SER A 58 1.11 -9.98 11.21
C SER A 58 1.76 -9.92 12.59
N ALA A 59 0.97 -10.19 13.60
CA ALA A 59 1.42 -10.21 15.00
C ALA A 59 2.33 -11.47 15.25
N THR A 60 2.24 -12.49 14.41
CA THR A 60 2.98 -13.76 14.62
C THR A 60 4.09 -14.05 13.59
N LYS A 61 3.94 -13.48 12.39
CA LYS A 61 4.86 -13.70 11.29
C LYS A 61 5.54 -12.40 10.90
N LYS A 62 6.77 -12.23 11.34
CA LYS A 62 7.45 -10.96 11.07
C LYS A 62 7.69 -10.63 9.60
N ASP A 63 7.79 -11.66 8.73
CA ASP A 63 8.05 -11.37 7.35
C ASP A 63 6.89 -11.58 6.39
N GLU A 64 5.69 -11.52 6.92
CA GLU A 64 4.48 -11.66 6.10
C GLU A 64 3.74 -10.36 6.20
N TYR A 65 3.65 -9.63 5.08
CA TYR A 65 3.04 -8.30 5.12
C TYR A 65 2.85 -7.78 3.70
N PHE A 66 2.03 -6.76 3.59
CA PHE A 66 1.91 -5.98 2.34
C PHE A 66 2.27 -4.53 2.76
N THR A 67 3.04 -3.83 1.91
CA THR A 67 3.32 -2.45 2.13
C THR A 67 3.36 -1.67 0.80
N MET A 68 2.65 -0.55 0.78
N MET A 68 2.66 -0.54 0.79
CA MET A 68 2.94 0.56 -0.13
CA MET A 68 2.90 0.55 -0.17
C MET A 68 3.79 1.52 0.69
C MET A 68 3.74 1.57 0.63
N ALA A 69 4.98 1.81 0.18
CA ALA A 69 5.99 2.53 0.95
C ALA A 69 6.69 3.58 0.10
N VAL A 70 7.53 4.37 0.79
CA VAL A 70 8.43 5.31 0.07
C VAL A 70 9.84 5.06 0.51
N TYR A 71 10.68 4.85 -0.50
CA TYR A 71 12.09 4.62 -0.21
C TYR A 71 13.01 5.64 -0.89
N ASN A 72 13.71 6.45 -0.11
CA ASN A 72 14.48 7.56 -0.70
C ASN A 72 13.69 8.33 -1.76
N ASN A 73 12.46 8.72 -1.37
CA ASN A 73 11.44 9.35 -2.25
C ASN A 73 10.76 8.48 -3.34
N THR A 74 11.31 7.30 -3.67
CA THR A 74 10.71 6.41 -4.68
C THR A 74 9.49 5.76 -4.06
N ALA A 75 8.36 5.88 -4.76
CA ALA A 75 7.15 5.08 -4.38
C ALA A 75 7.42 3.62 -4.69
N THR A 76 7.29 2.79 -3.67
CA THR A 76 7.62 1.39 -3.74
C THR A 76 6.50 0.49 -3.09
N LEU A 77 6.67 -0.82 -3.18
CA LEU A 77 5.62 -1.79 -3.00
C LEU A 77 6.27 -3.13 -2.73
N GLU A 78 5.70 -3.87 -1.78
CA GLU A 78 6.20 -5.20 -1.49
C GLU A 78 5.08 -6.00 -0.79
N GLY A 79 4.99 -7.26 -1.18
CA GLY A 79 4.08 -8.22 -0.50
C GLY A 79 4.84 -9.53 -0.34
N ARG A 80 4.72 -10.12 0.86
CA ARG A 80 5.45 -11.34 1.16
C ARG A 80 4.45 -12.25 1.92
N GLY A 81 4.43 -13.54 1.57
CA GLY A 81 3.51 -14.46 2.18
C GLY A 81 4.14 -15.12 3.41
N SER A 82 3.52 -16.22 3.84
N SER A 82 3.48 -16.20 3.85
CA SER A 82 3.93 -16.96 5.05
CA SER A 82 3.91 -16.98 5.03
C SER A 82 5.29 -17.68 4.92
C SER A 82 5.39 -17.40 4.90
N ASP A 83 5.78 -17.79 3.70
CA ASP A 83 7.14 -18.27 3.44
C ASP A 83 8.15 -17.12 3.26
N GLY A 84 7.71 -15.88 3.36
CA GLY A 84 8.60 -14.71 3.22
C GLY A 84 8.93 -14.40 1.76
N LYS A 85 8.45 -15.22 0.82
CA LYS A 85 8.76 -15.01 -0.60
C LYS A 85 8.02 -13.84 -1.22
N GLN A 86 8.66 -13.20 -2.22
CA GLN A 86 8.08 -11.99 -2.85
C GLN A 86 6.89 -12.29 -3.70
N PHE A 87 5.83 -11.50 -3.52
CA PHE A 87 4.66 -11.63 -4.39
C PHE A 87 4.88 -10.90 -5.71
N TYR A 88 5.61 -9.81 -5.66
CA TYR A 88 5.78 -8.89 -6.83
C TYR A 88 7.23 -8.71 -7.17
N ASN A 89 7.46 -8.17 -8.37
CA ASN A 89 8.78 -7.72 -8.71
C ASN A 89 9.24 -6.53 -7.84
N ASN A 90 10.53 -6.29 -7.84
CA ASN A 90 11.06 -5.16 -7.09
C ASN A 90 10.53 -3.86 -7.62
N TYR A 91 10.13 -2.99 -6.68
CA TYR A 91 9.71 -1.63 -7.04
C TYR A 91 10.68 -0.60 -6.45
N ASN A 92 11.72 -1.03 -5.71
CA ASN A 92 12.58 -0.07 -5.04
C ASN A 92 13.32 0.86 -5.97
N ASP A 93 13.48 0.44 -7.22
CA ASP A 93 14.12 1.32 -8.22
C ASP A 93 13.12 1.61 -9.35
N ALA A 94 11.81 1.54 -9.05
CA ALA A 94 10.75 2.11 -9.90
C ALA A 94 11.02 3.62 -10.20
N PRO A 95 10.58 4.10 -11.36
CA PRO A 95 11.07 5.43 -11.78
C PRO A 95 10.44 6.66 -11.05
N LEU A 96 9.19 6.56 -10.52
CA LEU A 96 8.50 7.74 -10.02
C LEU A 96 8.69 7.98 -8.53
N LYS A 97 8.94 9.25 -8.21
CA LYS A 97 9.20 9.72 -6.83
C LYS A 97 8.06 10.62 -6.33
N VAL A 98 7.83 10.66 -5.00
CA VAL A 98 6.98 11.67 -4.39
C VAL A 98 7.79 12.91 -4.01
N LYS A 99 7.12 14.05 -3.81
CA LYS A 99 7.80 15.28 -3.35
C LYS A 99 7.48 15.41 -1.85
N PRO A 100 8.46 15.18 -0.92
CA PRO A 100 8.01 15.38 0.46
C PRO A 100 7.76 16.90 0.72
N GLY A 101 7.01 17.14 1.75
CA GLY A 101 6.54 18.42 2.08
C GLY A 101 5.40 18.94 1.23
N GLN A 102 4.90 18.17 0.26
CA GLN A 102 3.74 18.57 -0.54
C GLN A 102 2.77 17.41 -0.68
N TRP A 103 1.58 17.74 -1.14
CA TRP A 103 0.56 16.73 -1.54
C TRP A 103 0.96 15.86 -2.67
N ASN A 104 0.82 14.55 -2.45
CA ASN A 104 1.11 13.54 -3.46
C ASN A 104 0.03 12.46 -3.40
N SER A 105 -0.13 11.69 -4.49
CA SER A 105 -1.00 10.48 -4.42
C SER A 105 -0.17 9.29 -4.88
N VAL A 106 -0.45 8.14 -4.30
CA VAL A 106 0.10 6.86 -4.79
C VAL A 106 -1.09 5.90 -4.89
N THR A 107 -1.16 5.14 -6.00
CA THR A 107 -2.26 4.23 -6.22
C THR A 107 -1.69 2.88 -6.59
N PHE A 108 -2.16 1.82 -5.91
CA PHE A 108 -1.73 0.44 -6.21
C PHE A 108 -2.97 -0.24 -6.82
N THR A 109 -2.80 -1.06 -7.84
CA THR A 109 -3.92 -1.90 -8.32
C THR A 109 -3.42 -3.34 -8.42
N VAL A 110 -4.34 -4.27 -8.14
CA VAL A 110 -4.01 -5.66 -8.31
C VAL A 110 -5.14 -6.36 -9.06
N GLU A 111 -4.76 -7.18 -10.03
CA GLU A 111 -5.71 -7.98 -10.80
C GLU A 111 -5.33 -9.42 -10.62
N LYS A 112 -6.27 -10.22 -10.14
CA LYS A 112 -6.04 -11.67 -10.04
C LYS A 112 -5.75 -12.30 -11.44
N PRO A 113 -5.05 -13.47 -11.44
CA PRO A 113 -4.78 -14.14 -12.72
C PRO A 113 -6.09 -14.50 -13.44
N THR A 114 -6.10 -14.35 -14.75
CA THR A 114 -7.23 -14.68 -15.62
C THR A 114 -6.63 -15.42 -16.83
N ALA A 115 -7.47 -15.85 -17.78
CA ALA A 115 -6.95 -16.56 -18.98
C ALA A 115 -5.96 -15.69 -19.70
N GLU A 116 -6.24 -14.39 -19.78
CA GLU A 116 -5.39 -13.47 -20.57
C GLU A 116 -4.26 -12.82 -19.75
N LEU A 117 -4.38 -12.90 -18.42
CA LEU A 117 -3.31 -12.33 -17.51
C LEU A 117 -2.89 -13.52 -16.66
N PRO A 118 -2.03 -14.40 -17.19
CA PRO A 118 -1.92 -15.71 -16.57
C PRO A 118 -1.25 -15.66 -15.24
N LYS A 119 -0.51 -14.58 -14.96
CA LYS A 119 0.16 -14.45 -13.62
C LYS A 119 -0.41 -13.24 -12.87
N GLY A 120 -1.57 -12.75 -13.32
CA GLY A 120 -2.10 -11.55 -12.73
C GLY A 120 -1.38 -10.26 -13.14
N ARG A 121 -1.75 -9.15 -12.51
CA ARG A 121 -1.14 -7.86 -12.83
C ARG A 121 -1.21 -6.91 -11.68
N VAL A 122 -0.08 -6.28 -11.34
CA VAL A 122 0.00 -5.30 -10.32
C VAL A 122 0.57 -4.02 -10.95
N ARG A 123 0.00 -2.86 -10.60
CA ARG A 123 0.55 -1.56 -11.01
C ARG A 123 0.69 -0.59 -9.81
N LEU A 124 1.70 0.29 -9.85
CA LEU A 124 1.80 1.40 -8.89
C LEU A 124 1.89 2.67 -9.73
N TYR A 125 1.07 3.63 -9.35
CA TYR A 125 1.04 4.91 -10.00
C TYR A 125 1.45 5.94 -8.94
N VAL A 126 2.02 7.05 -9.42
CA VAL A 126 2.40 8.17 -8.51
C VAL A 126 1.81 9.42 -9.18
N ASN A 127 0.89 10.13 -8.47
CA ASN A 127 0.38 11.39 -8.95
C ASN A 127 -0.29 11.20 -10.30
N GLY A 128 -1.10 10.14 -10.40
CA GLY A 128 -1.86 9.86 -11.65
C GLY A 128 -1.11 9.15 -12.78
N VAL A 129 0.21 8.87 -12.61
CA VAL A 129 1.08 8.39 -13.71
C VAL A 129 1.61 7.02 -13.39
N LEU A 130 1.45 6.10 -14.34
CA LEU A 130 1.96 4.71 -14.08
C LEU A 130 3.49 4.71 -13.90
N SER A 131 3.91 4.16 -12.75
CA SER A 131 5.33 4.03 -12.46
C SER A 131 5.88 2.70 -12.96
N ARG A 132 5.27 1.59 -12.56
CA ARG A 132 5.77 0.28 -12.99
C ARG A 132 4.65 -0.73 -12.92
N THR A 133 4.66 -1.64 -13.87
CA THR A 133 3.73 -2.82 -13.90
C THR A 133 4.51 -4.09 -13.57
N SER A 134 3.94 -5.00 -12.80
CA SER A 134 4.64 -6.23 -12.38
C SER A 134 3.70 -7.42 -12.62
N LEU A 135 4.19 -8.41 -13.35
CA LEU A 135 3.39 -9.50 -13.84
C LEU A 135 3.87 -10.85 -13.25
N ARG A 136 4.38 -10.79 -12.03
N ARG A 136 4.37 -10.79 -12.02
CA ARG A 136 4.83 -11.99 -11.31
CA ARG A 136 4.82 -11.97 -11.29
C ARG A 136 3.68 -12.73 -10.63
C ARG A 136 3.67 -12.73 -10.65
N SER A 137 2.77 -11.98 -9.99
CA SER A 137 1.58 -12.53 -9.33
C SER A 137 0.51 -11.44 -9.20
N GLY A 138 -0.72 -11.89 -8.97
CA GLY A 138 -1.82 -10.96 -8.54
C GLY A 138 -2.19 -11.33 -7.13
N ASN A 139 -1.19 -11.69 -6.34
CA ASN A 139 -1.41 -12.02 -4.92
C ASN A 139 -1.72 -10.74 -4.08
N PHE A 140 -2.48 -10.92 -3.02
CA PHE A 140 -2.86 -9.81 -2.19
C PHE A 140 -3.15 -10.31 -0.77
N ILE A 141 -4.04 -9.63 -0.05
CA ILE A 141 -4.26 -9.95 1.38
C ILE A 141 -4.88 -11.34 1.57
N LYS A 142 -5.70 -11.77 0.61
CA LYS A 142 -6.30 -13.16 0.63
C LYS A 142 -5.22 -14.25 0.67
N ASP A 143 -3.98 -13.90 0.25
CA ASP A 143 -2.84 -14.81 0.22
C ASP A 143 -1.93 -14.76 1.45
N MET A 144 -2.41 -14.09 2.49
CA MET A 144 -1.62 -13.91 3.67
C MET A 144 -2.41 -14.39 4.90
N PRO A 145 -2.31 -15.69 5.21
CA PRO A 145 -3.19 -16.26 6.22
C PRO A 145 -2.97 -15.84 7.65
N ASP A 146 -1.83 -15.19 7.97
CA ASP A 146 -1.49 -14.84 9.37
C ASP A 146 -1.62 -13.35 9.67
N VAL A 147 -2.16 -12.56 8.73
CA VAL A 147 -2.22 -11.15 9.00
C VAL A 147 -3.26 -10.75 10.09
N THR A 148 -2.95 -9.70 10.84
CA THR A 148 -3.78 -9.31 11.96
C THR A 148 -3.99 -7.80 12.03
N HIS A 149 -3.13 -7.01 11.32
CA HIS A 149 -3.08 -5.58 11.55
C HIS A 149 -3.13 -4.87 10.22
N VAL A 150 -3.79 -3.75 10.22
CA VAL A 150 -3.80 -2.87 9.00
C VAL A 150 -3.47 -1.48 9.47
N GLN A 151 -2.62 -0.73 8.75
CA GLN A 151 -2.26 0.60 9.26
C GLN A 151 -1.75 1.54 8.22
N ILE A 152 -1.97 2.83 8.47
CA ILE A 152 -1.19 3.92 7.84
C ILE A 152 -0.05 4.22 8.80
N GLY A 153 1.17 4.27 8.25
CA GLY A 153 2.33 4.68 9.04
C GLY A 153 3.04 3.49 9.70
N ALA A 154 3.45 3.68 10.96
CA ALA A 154 4.30 2.66 11.65
C ALA A 154 3.59 1.30 11.62
N THR A 155 4.37 0.24 11.33
CA THR A 155 3.82 -1.06 10.97
C THR A 155 4.31 -2.09 11.99
N LYS A 156 3.35 -2.77 12.58
CA LYS A 156 3.66 -3.80 13.59
C LYS A 156 3.99 -5.14 12.88
N ARG A 157 5.25 -5.52 12.94
CA ARG A 157 5.67 -6.84 12.38
C ARG A 157 6.08 -7.70 13.59
N ALA A 158 5.18 -8.60 13.98
CA ALA A 158 5.30 -9.32 15.27
C ALA A 158 5.61 -8.38 16.35
N ASN A 159 6.73 -8.60 17.06
CA ASN A 159 7.07 -7.76 18.21
C ASN A 159 7.92 -6.53 17.94
N ASN A 160 7.96 -6.06 16.70
CA ASN A 160 8.67 -4.84 16.38
C ASN A 160 7.79 -3.93 15.53
N THR A 161 8.01 -2.64 15.66
CA THR A 161 7.18 -1.67 14.93
C THR A 161 8.18 -0.80 14.17
N VAL A 162 7.95 -0.63 12.87
CA VAL A 162 8.97 0.00 12.03
C VAL A 162 8.27 0.84 11.00
N TRP A 163 9.03 1.66 10.26
CA TRP A 163 8.55 2.44 9.11
C TRP A 163 7.63 3.59 9.40
N GLY A 164 7.62 4.08 10.65
CA GLY A 164 6.81 5.28 11.03
C GLY A 164 7.34 6.55 10.40
N SER A 165 6.45 7.53 10.17
CA SER A 165 6.82 8.86 9.78
C SER A 165 5.62 9.75 10.10
N ASN A 166 5.79 11.07 9.93
CA ASN A 166 4.69 12.00 10.13
C ASN A 166 4.08 12.24 8.76
N LEU A 167 2.78 12.04 8.65
CA LEU A 167 2.04 12.13 7.36
C LEU A 167 0.74 12.82 7.66
N GLN A 168 0.30 13.69 6.76
CA GLN A 168 -1.08 14.10 6.74
C GLN A 168 -1.74 13.33 5.65
N ILE A 169 -2.93 12.78 5.94
CA ILE A 169 -3.60 11.93 4.98
C ILE A 169 -4.96 12.51 4.63
N ARG A 170 -5.11 13.09 3.44
CA ARG A 170 -6.42 13.63 3.05
C ARG A 170 -7.37 12.46 2.83
N ASN A 171 -6.89 11.42 2.13
CA ASN A 171 -7.71 10.18 2.07
C ASN A 171 -6.98 8.92 1.74
N LEU A 172 -7.53 7.84 2.28
N LEU A 172 -7.59 7.81 2.17
CA LEU A 172 -7.18 6.48 1.96
CA LEU A 172 -7.13 6.44 1.99
C LEU A 172 -8.51 5.94 1.44
C LEU A 172 -8.39 5.70 1.57
N THR A 173 -8.45 5.31 0.28
CA THR A 173 -9.65 4.68 -0.32
C THR A 173 -9.23 3.32 -0.84
N VAL A 174 -10.01 2.27 -0.53
CA VAL A 174 -9.76 0.96 -1.08
C VAL A 174 -11.00 0.61 -1.88
N TYR A 175 -10.76 0.11 -3.12
CA TYR A 175 -11.85 -0.34 -3.98
C TYR A 175 -11.78 -1.82 -4.20
N ASN A 176 -12.93 -2.41 -4.53
CA ASN A 176 -12.96 -3.85 -4.80
C ASN A 176 -12.81 -4.23 -6.30
N ARG A 177 -12.24 -3.33 -7.11
CA ARG A 177 -11.85 -3.65 -8.45
C ARG A 177 -10.59 -2.89 -8.73
N ALA A 178 -9.94 -3.19 -9.85
CA ALA A 178 -8.70 -2.53 -10.21
C ALA A 178 -9.05 -1.35 -11.08
N LEU A 179 -8.80 -0.13 -10.63
CA LEU A 179 -9.09 1.04 -11.50
C LEU A 179 -8.18 0.97 -12.70
N THR A 180 -8.68 1.45 -13.85
CA THR A 180 -7.86 1.51 -15.06
C THR A 180 -6.92 2.71 -14.97
N PRO A 181 -5.82 2.71 -15.78
CA PRO A 181 -4.97 3.87 -15.89
C PRO A 181 -5.82 5.15 -16.06
N GLU A 182 -6.89 5.09 -16.88
CA GLU A 182 -7.70 6.27 -17.17
C GLU A 182 -8.44 6.72 -15.89
N GLU A 183 -8.94 5.73 -15.13
CA GLU A 183 -9.64 6.09 -13.86
C GLU A 183 -8.66 6.66 -12.84
N VAL A 184 -7.42 6.11 -12.81
CA VAL A 184 -6.42 6.64 -11.88
C VAL A 184 -6.09 8.12 -12.28
N GLN A 185 -6.12 8.44 -13.59
CA GLN A 185 -5.83 9.80 -14.02
C GLN A 185 -6.85 10.84 -13.50
N LYS A 186 -8.11 10.42 -13.36
CA LYS A 186 -9.24 11.30 -13.11
C LYS A 186 -9.76 11.23 -11.67
N ARG A 187 -9.63 10.06 -11.07
CA ARG A 187 -10.20 9.72 -9.77
C ARG A 187 -9.20 9.90 -8.64
N SER A 188 -8.04 10.51 -8.90
CA SER A 188 -6.98 10.50 -7.88
C SER A 188 -7.21 11.63 -6.85
#